data_1O56
# 
_entry.id   1O56 
# 
_audit_conform.dict_name       mmcif_pdbx.dic 
_audit_conform.dict_version    5.383 
_audit_conform.dict_location   http://mmcif.pdb.org/dictionaries/ascii/mmcif_pdbx.dic 
# 
loop_
_database_2.database_id 
_database_2.database_code 
_database_2.pdbx_database_accession 
_database_2.pdbx_DOI 
PDB   1O56         pdb_00001o56 10.2210/pdb1o56/pdb 
NDB   UD0039       ?            ?                   
RCSB  rcsb001816   ?            ?                   
WWPDB D_1000001816 ?            ?                   
# 
loop_
_pdbx_audit_revision_history.ordinal 
_pdbx_audit_revision_history.data_content_type 
_pdbx_audit_revision_history.major_revision 
_pdbx_audit_revision_history.minor_revision 
_pdbx_audit_revision_history.revision_date 
1 'Structure model' 1 0 2003-08-26 
2 'Structure model' 1 1 2008-04-26 
3 'Structure model' 1 2 2011-07-13 
4 'Structure model' 1 3 2011-11-16 
5 'Structure model' 1 4 2017-10-04 
6 'Structure model' 1 5 2023-12-27 
# 
_pdbx_audit_revision_details.ordinal             1 
_pdbx_audit_revision_details.revision_ordinal    1 
_pdbx_audit_revision_details.data_content_type   'Structure model' 
_pdbx_audit_revision_details.provider            repository 
_pdbx_audit_revision_details.type                'Initial release' 
_pdbx_audit_revision_details.description         ? 
_pdbx_audit_revision_details.details             ? 
# 
loop_
_pdbx_audit_revision_group.ordinal 
_pdbx_audit_revision_group.revision_ordinal 
_pdbx_audit_revision_group.data_content_type 
_pdbx_audit_revision_group.group 
1 2 'Structure model' 'Version format compliance' 
2 3 'Structure model' 'Version format compliance' 
3 4 'Structure model' 'Atomic model'              
4 5 'Structure model' 'Refinement description'    
5 6 'Structure model' 'Data collection'           
6 6 'Structure model' 'Database references'       
# 
loop_
_pdbx_audit_revision_category.ordinal 
_pdbx_audit_revision_category.revision_ordinal 
_pdbx_audit_revision_category.data_content_type 
_pdbx_audit_revision_category.category 
1 5 'Structure model' software       
2 6 'Structure model' chem_comp_atom 
3 6 'Structure model' chem_comp_bond 
4 6 'Structure model' database_2     
# 
loop_
_pdbx_audit_revision_item.ordinal 
_pdbx_audit_revision_item.revision_ordinal 
_pdbx_audit_revision_item.data_content_type 
_pdbx_audit_revision_item.item 
1 6 'Structure model' '_database_2.pdbx_DOI'                
2 6 'Structure model' '_database_2.pdbx_database_accession' 
# 
_pdbx_database_PDB_obs_spr.id               SPRSDE 
_pdbx_database_PDB_obs_spr.pdb_id           1O56 
_pdbx_database_PDB_obs_spr.replace_pdb_id   416d 
_pdbx_database_PDB_obs_spr.date             2003-08-26 
_pdbx_database_PDB_obs_spr.details          ? 
# 
_pdbx_database_status.status_code                     REL 
_pdbx_database_status.entry_id                        1O56 
_pdbx_database_status.recvd_initial_deposition_date   2003-08-20 
_pdbx_database_status.deposit_site                    RCSB 
_pdbx_database_status.process_site                    RCSB 
_pdbx_database_status.status_code_sf                  ? 
_pdbx_database_status.status_code_mr                  ? 
_pdbx_database_status.SG_entry                        ? 
_pdbx_database_status.pdb_format_compatible           Y 
_pdbx_database_status.status_code_cs                  ? 
_pdbx_database_status.methods_development_category    ? 
_pdbx_database_status.status_code_nmr_data            ? 
# 
loop_
_audit_author.name 
_audit_author.pdbx_ordinal 
'Gao, Y.G.'           1 
'Robinson, H.'        2 
'Guan, Y.'            3 
'Liaw, Y.C.'          4 
'van Boom, J.H.'      5 
'van der Marel, G.A.' 6 
'Wang, A.H.'          7 
# 
_citation.id                        primary 
_citation.title                     'Molecular structure of two crystal forms of cyclic triadenylic acid at 1A resolution.' 
_citation.journal_abbrev            J.Biomol.Struct.Dyn. 
_citation.journal_volume            16 
_citation.page_first                69 
_citation.page_last                 76 
_citation.year                      1998 
_citation.journal_id_ASTM           JBSDD6 
_citation.country                   US 
_citation.journal_id_ISSN           0739-1102 
_citation.journal_id_CSD            0646 
_citation.book_publisher            ? 
_citation.pdbx_database_id_PubMed   9745896 
_citation.pdbx_database_id_DOI      ? 
# 
loop_
_citation_author.citation_id 
_citation_author.name 
_citation_author.ordinal 
_citation_author.identifier_ORCID 
primary 'Gao, Y.G.'           1 ? 
primary 'Robinson, H.'        2 ? 
primary 'Guan, Y.'            3 ? 
primary 'Liaw, Y.C.'          4 ? 
primary 'van Boom, J.H.'      5 ? 
primary 'van der Marel, G.A.' 6 ? 
primary 'Wang, A.H.'          7 ? 
# 
loop_
_entity.id 
_entity.type 
_entity.src_method 
_entity.pdbx_description 
_entity.formula_weight 
_entity.pdbx_number_of_molecules 
_entity.pdbx_ec 
_entity.pdbx_mutation 
_entity.pdbx_fragment 
_entity.details 
1 polymer syn 
;DNA (5'-CD(*AP*AP*AP*)-3')
;
894.663 2  ? ? ? ? 
2 water   nat water                        18.015  13 ? ? ? ? 
# 
_entity_poly.entity_id                      1 
_entity_poly.type                           polydeoxyribonucleotide 
_entity_poly.nstd_linkage                   no 
_entity_poly.nstd_monomer                   no 
_entity_poly.pdbx_seq_one_letter_code       '(DA)(DA)(DA)' 
_entity_poly.pdbx_seq_one_letter_code_can   AAA 
_entity_poly.pdbx_strand_id                 A,B 
_entity_poly.pdbx_target_identifier         ? 
# 
_pdbx_entity_nonpoly.entity_id   2 
_pdbx_entity_nonpoly.name        water 
_pdbx_entity_nonpoly.comp_id     HOH 
# 
loop_
_entity_poly_seq.entity_id 
_entity_poly_seq.num 
_entity_poly_seq.mon_id 
_entity_poly_seq.hetero 
1 1 DA n 
1 2 DA n 
1 3 DA n 
# 
_pdbx_entity_src_syn.entity_id              1 
_pdbx_entity_src_syn.pdbx_src_id            1 
_pdbx_entity_src_syn.pdbx_alt_source_flag   sample 
_pdbx_entity_src_syn.pdbx_beg_seq_num       ? 
_pdbx_entity_src_syn.pdbx_end_seq_num       ? 
_pdbx_entity_src_syn.organism_scientific    ? 
_pdbx_entity_src_syn.organism_common_name   ? 
_pdbx_entity_src_syn.ncbi_taxonomy_id       ? 
_pdbx_entity_src_syn.details                Synthetic 
# 
loop_
_chem_comp.id 
_chem_comp.type 
_chem_comp.mon_nstd_flag 
_chem_comp.name 
_chem_comp.pdbx_synonyms 
_chem_comp.formula 
_chem_comp.formula_weight 
DA  'DNA linking' y "2'-DEOXYADENOSINE-5'-MONOPHOSPHATE" ? 'C10 H14 N5 O6 P' 331.222 
HOH non-polymer   . WATER                                ? 'H2 O'            18.015  
# 
loop_
_pdbx_poly_seq_scheme.asym_id 
_pdbx_poly_seq_scheme.entity_id 
_pdbx_poly_seq_scheme.seq_id 
_pdbx_poly_seq_scheme.mon_id 
_pdbx_poly_seq_scheme.ndb_seq_num 
_pdbx_poly_seq_scheme.pdb_seq_num 
_pdbx_poly_seq_scheme.auth_seq_num 
_pdbx_poly_seq_scheme.pdb_mon_id 
_pdbx_poly_seq_scheme.auth_mon_id 
_pdbx_poly_seq_scheme.pdb_strand_id 
_pdbx_poly_seq_scheme.pdb_ins_code 
_pdbx_poly_seq_scheme.hetero 
A 1 1 DA 1 1 1 DA A A . n 
A 1 2 DA 2 2 ? ?  ? A . n 
A 1 3 DA 3 3 ? ?  ? A . n 
B 1 1 DA 1 2 2 DA A B . n 
B 1 2 DA 2 3 ? ?  ? B . n 
B 1 3 DA 3 4 ? ?  ? B . n 
# 
loop_
_pdbx_nonpoly_scheme.asym_id 
_pdbx_nonpoly_scheme.entity_id 
_pdbx_nonpoly_scheme.mon_id 
_pdbx_nonpoly_scheme.ndb_seq_num 
_pdbx_nonpoly_scheme.pdb_seq_num 
_pdbx_nonpoly_scheme.auth_seq_num 
_pdbx_nonpoly_scheme.pdb_mon_id 
_pdbx_nonpoly_scheme.auth_mon_id 
_pdbx_nonpoly_scheme.pdb_strand_id 
_pdbx_nonpoly_scheme.pdb_ins_code 
C 2 HOH 1  4  3  HOH HOH A . 
C 2 HOH 2  5  4  HOH HOH A . 
C 2 HOH 3  6  5  HOH HOH A . 
C 2 HOH 4  7  6  HOH HOH A . 
C 2 HOH 5  8  7  HOH HOH A . 
C 2 HOH 6  9  8  HOH HOH A . 
C 2 HOH 7  10 10 HOH HOH A . 
C 2 HOH 8  11 11 HOH HOH A . 
C 2 HOH 9  12 12 HOH HOH A . 
C 2 HOH 10 13 13 HOH HOH A . 
C 2 HOH 11 14 14 HOH HOH A . 
C 2 HOH 12 15 15 HOH HOH A . 
D 2 HOH 1  9  9  HOH HOH B . 
# 
loop_
_software.name 
_software.classification 
_software.version 
_software.citation_id 
_software.pdbx_ordinal 
SHELXS    phasing    . ? 1 
SHELXL-97 refinement . ? 2 
# 
_cell.entry_id           1O56 
_cell.length_a           23.328 
_cell.length_b           23.328 
_cell.length_c           9.680 
_cell.angle_alpha        90.00 
_cell.angle_beta         90.00 
_cell.angle_gamma        120.00 
_cell.Z_PDB              6 
_cell.pdbx_unique_axis   ? 
_cell.length_a_esd       ? 
_cell.length_b_esd       ? 
_cell.length_c_esd       ? 
_cell.angle_alpha_esd    ? 
_cell.angle_beta_esd     ? 
_cell.angle_gamma_esd    ? 
# 
_symmetry.entry_id                         1O56 
_symmetry.space_group_name_H-M             'P 3' 
_symmetry.pdbx_full_space_group_name_H-M   ? 
_symmetry.cell_setting                     ? 
_symmetry.Int_Tables_number                143 
_symmetry.space_group_name_Hall            ? 
# 
_exptl.entry_id          1O56 
_exptl.method            'X-RAY DIFFRACTION' 
_exptl.crystals_number   1 
# 
_exptl_crystal.id                    1 
_exptl_crystal.density_meas          ? 
_exptl_crystal.density_Matthews      1.41 
_exptl_crystal.density_percent_sol   42.0000 
_exptl_crystal.description           ? 
_exptl_crystal.F_000                 ? 
_exptl_crystal.preparation           ? 
# 
_exptl_crystal_grow.crystal_id      1 
_exptl_crystal_grow.method          'VAPOR DIFFUSION, HANGING DROP' 
_exptl_crystal_grow.temp            298.00 
_exptl_crystal_grow.temp_details    ? 
_exptl_crystal_grow.pH              4.50 
_exptl_crystal_grow.pdbx_details    'pH 4.50, VAPOR DIFFUSION, HANGING DROP, temperature 298.00K' 
_exptl_crystal_grow.pdbx_pH_range   . 
# 
loop_
_exptl_crystal_grow_comp.crystal_id 
_exptl_crystal_grow_comp.id 
_exptl_crystal_grow_comp.sol_id 
_exptl_crystal_grow_comp.name 
_exptl_crystal_grow_comp.volume 
_exptl_crystal_grow_comp.conc 
_exptl_crystal_grow_comp.details 
1 1 1 MPD     ? ? ? 
1 2 1 GLYCINE ? ? ? 
1 3 1 MGCL2   ? ? ? 
1 4 2 MPD     ? ? ? 
# 
_diffrn.id                     1 
_diffrn.ambient_temp           298.00 
_diffrn.ambient_temp_details   ? 
_diffrn.crystal_id             1 
# 
_diffrn_detector.diffrn_id              1 
_diffrn_detector.detector               'IMAGE PLATE' 
_diffrn_detector.type                   RIGAKU 
_diffrn_detector.pdbx_collection_date   1997-12-29 
_diffrn_detector.details                ? 
# 
_diffrn_radiation.diffrn_id                        1 
_diffrn_radiation.wavelength_id                    1 
_diffrn_radiation.pdbx_monochromatic_or_laue_m_l   M 
_diffrn_radiation.monochromator                    ? 
_diffrn_radiation.pdbx_diffrn_protocol             'SINGLE WAVELENGTH' 
_diffrn_radiation.pdbx_scattering_type             x-ray 
# 
_diffrn_radiation_wavelength.id           1 
_diffrn_radiation_wavelength.wavelength   . 
_diffrn_radiation_wavelength.wt           1.0 
# 
_diffrn_source.diffrn_id                   1 
_diffrn_source.source                      'ROTATING ANODE' 
_diffrn_source.type                        'RIGAKU RU200' 
_diffrn_source.pdbx_synchrotron_site       ? 
_diffrn_source.pdbx_synchrotron_beamline   ? 
_diffrn_source.pdbx_wavelength             ? 
_diffrn_source.pdbx_wavelength_list        ? 
# 
_reflns.entry_id                     1O56 
_reflns.observed_criterion_sigma_I   ? 
_reflns.observed_criterion_sigma_F   3.000 
_reflns.d_resolution_low             10.000 
_reflns.d_resolution_high            0.900 
_reflns.number_obs                   3059 
_reflns.number_all                   ? 
_reflns.percent_possible_obs         ? 
_reflns.pdbx_Rmerge_I_obs            ? 
_reflns.pdbx_Rsym_value              ? 
_reflns.pdbx_netI_over_sigmaI        ? 
_reflns.B_iso_Wilson_estimate        ? 
_reflns.pdbx_redundancy              ? 
_reflns.R_free_details               ? 
_reflns.pdbx_chi_squared             ? 
_reflns.pdbx_scaling_rejects         ? 
_reflns.pdbx_diffrn_id               1 
_reflns.pdbx_ordinal                 1 
# 
_refine.entry_id                                 1O56 
_refine.ls_number_reflns_obs                     3059 
_refine.ls_number_reflns_all                     3059 
_refine.pdbx_ls_sigma_I                          ? 
_refine.pdbx_ls_sigma_F                          3.000 
_refine.pdbx_data_cutoff_high_absF               ? 
_refine.pdbx_data_cutoff_low_absF                ? 
_refine.pdbx_data_cutoff_high_rms_absF           ? 
_refine.ls_d_res_low                             10.000 
_refine.ls_d_res_high                            0.900 
_refine.ls_percent_reflns_obs                    ? 
_refine.ls_R_factor_obs                          ? 
_refine.ls_R_factor_all                          0.109 
_refine.ls_R_factor_R_work                       ? 
_refine.ls_R_factor_R_free                       ? 
_refine.ls_R_factor_R_free_error                 ? 
_refine.ls_R_factor_R_free_error_details         ? 
_refine.ls_percent_reflns_R_free                 ? 
_refine.ls_number_reflns_R_free                  ? 
_refine.ls_number_parameters                     ? 
_refine.ls_number_restraints                     ? 
_refine.occupancy_min                            ? 
_refine.occupancy_max                            ? 
_refine.B_iso_mean                               ? 
_refine.aniso_B[1][1]                            ? 
_refine.aniso_B[2][2]                            ? 
_refine.aniso_B[3][3]                            ? 
_refine.aniso_B[1][2]                            ? 
_refine.aniso_B[1][3]                            ? 
_refine.aniso_B[2][3]                            ? 
_refine.solvent_model_details                    ? 
_refine.solvent_model_param_ksol                 ? 
_refine.solvent_model_param_bsol                 ? 
_refine.pdbx_ls_cross_valid_method               ? 
_refine.details                                  ? 
_refine.pdbx_starting_model                      ? 
_refine.pdbx_method_to_determine_struct          ? 
_refine.pdbx_isotropic_thermal_model             ? 
_refine.pdbx_stereochemistry_target_values       ? 
_refine.pdbx_stereochem_target_val_spec_case     ? 
_refine.pdbx_R_Free_selection_details            ? 
_refine.pdbx_overall_ESU_R                       ? 
_refine.pdbx_overall_ESU_R_Free                  ? 
_refine.overall_SU_ML                            ? 
_refine.overall_SU_B                             ? 
_refine.ls_redundancy_reflns_obs                 ? 
_refine.correlation_coeff_Fo_to_Fc               ? 
_refine.correlation_coeff_Fo_to_Fc_free          ? 
_refine.pdbx_solvent_vdw_probe_radii             ? 
_refine.pdbx_solvent_ion_probe_radii             ? 
_refine.pdbx_solvent_shrinkage_radii             ? 
_refine.overall_SU_R_Cruickshank_DPI             ? 
_refine.overall_SU_R_free                        ? 
_refine.ls_wR_factor_R_free                      ? 
_refine.ls_wR_factor_R_work                      ? 
_refine.overall_FOM_free_R_set                   ? 
_refine.overall_FOM_work_R_set                   ? 
_refine.pdbx_refine_id                           'X-RAY DIFFRACTION' 
_refine.pdbx_diffrn_id                           1 
_refine.pdbx_TLS_residual_ADP_flag               ? 
_refine.pdbx_overall_phase_error                 ? 
_refine.pdbx_overall_SU_R_free_Cruickshank_DPI   ? 
_refine.pdbx_overall_SU_R_Blow_DPI               ? 
_refine.pdbx_overall_SU_R_free_Blow_DPI          ? 
# 
_refine_hist.pdbx_refine_id                   'X-RAY DIFFRACTION' 
_refine_hist.cycle_id                         LAST 
_refine_hist.pdbx_number_atoms_protein        0 
_refine_hist.pdbx_number_atoms_nucleic_acid   42 
_refine_hist.pdbx_number_atoms_ligand         0 
_refine_hist.number_atoms_solvent             13 
_refine_hist.number_atoms_total               55 
_refine_hist.d_res_high                       0.900 
_refine_hist.d_res_low                        10.000 
# 
loop_
_refine_ls_restr.type 
_refine_ls_restr.dev_ideal 
_refine_ls_restr.dev_ideal_target 
_refine_ls_restr.weight 
_refine_ls_restr.number 
_refine_ls_restr.pdbx_refine_id 
_refine_ls_restr.pdbx_restraint_function 
s_bond_d               0.032 ? ? ? 'X-RAY DIFFRACTION' ? 
s_angle_d              ?     ? ? ? 'X-RAY DIFFRACTION' ? 
s_similar_dist         ?     ? ? ? 'X-RAY DIFFRACTION' ? 
s_from_restr_planes    ?     ? ? ? 'X-RAY DIFFRACTION' ? 
s_zero_chiral_vol      ?     ? ? ? 'X-RAY DIFFRACTION' ? 
s_non_zero_chiral_vol  ?     ? ? ? 'X-RAY DIFFRACTION' ? 
s_anti_bump_dis_restr  ?     ? ? ? 'X-RAY DIFFRACTION' ? 
s_rigid_bond_adp_cmpnt ?     ? ? ? 'X-RAY DIFFRACTION' ? 
s_similar_adp_cmpnt    ?     ? ? ? 'X-RAY DIFFRACTION' ? 
s_approx_iso_adps      ?     ? ? ? 'X-RAY DIFFRACTION' ? 
# 
_pdbx_refine.entry_id                                    1O56 
_pdbx_refine.R_factor_all_no_cutoff                      ? 
_pdbx_refine.R_factor_obs_no_cutoff                      ? 
_pdbx_refine.free_R_factor_no_cutoff                     ? 
_pdbx_refine.free_R_val_test_set_size_perc_no_cutoff     ? 
_pdbx_refine.free_R_val_test_set_ct_no_cutoff            ? 
_pdbx_refine.R_factor_all_4sig_cutoff                    0.109 
_pdbx_refine.R_factor_obs_4sig_cutoff                    ? 
_pdbx_refine.free_R_factor_4sig_cutoff                   ? 
_pdbx_refine.free_R_val_test_set_size_perc_4sig_cutoff   ? 
_pdbx_refine.free_R_val_test_set_ct_4sig_cutoff          ? 
_pdbx_refine.number_reflns_obs_4sig_cutoff               ? 
_pdbx_refine.number_reflns_obs_no_cutoff                 ? 
_pdbx_refine.pdbx_refine_id                              'X-RAY DIFFRACTION' 
_pdbx_refine.free_R_error_no_cutoff                      ? 
# 
_struct.entry_id                  1O56 
_struct.title                     'MOLECULAR STRUCTURE OF TWO CRYSTAL FORMS OF CYCLIC TRIADENYLIC ACID AT 1 ANGSTROM RESOLUTION' 
_struct.pdbx_model_details        ? 
_struct.pdbx_CASP_flag            ? 
_struct.pdbx_model_type_details   ? 
# 
_struct_keywords.entry_id        1O56 
_struct_keywords.pdbx_keywords   DNA 
_struct_keywords.text            'CYCLIC TRINUCLEOTIDE, DNA' 
# 
loop_
_struct_asym.id 
_struct_asym.pdbx_blank_PDB_chainid_flag 
_struct_asym.pdbx_modified 
_struct_asym.entity_id 
_struct_asym.details 
A N N 1 ? 
B N N 1 ? 
C N N 2 ? 
D N N 2 ? 
# 
_struct_ref.id                         1 
_struct_ref.entity_id                  1 
_struct_ref.db_name                    PDB 
_struct_ref.db_code                    1O56 
_struct_ref.pdbx_db_accession          1O56 
_struct_ref.pdbx_db_isoform            ? 
_struct_ref.pdbx_seq_one_letter_code   ? 
_struct_ref.pdbx_align_begin           ? 
# 
loop_
_struct_ref_seq.align_id 
_struct_ref_seq.ref_id 
_struct_ref_seq.pdbx_PDB_id_code 
_struct_ref_seq.pdbx_strand_id 
_struct_ref_seq.seq_align_beg 
_struct_ref_seq.pdbx_seq_align_beg_ins_code 
_struct_ref_seq.seq_align_end 
_struct_ref_seq.pdbx_seq_align_end_ins_code 
_struct_ref_seq.pdbx_db_accession 
_struct_ref_seq.db_align_beg 
_struct_ref_seq.pdbx_db_align_beg_ins_code 
_struct_ref_seq.db_align_end 
_struct_ref_seq.pdbx_db_align_end_ins_code 
_struct_ref_seq.pdbx_auth_seq_align_beg 
_struct_ref_seq.pdbx_auth_seq_align_end 
1 1 1O56 A 1 ? 3 ? 1O56 1 ? 3 ? 1 3 
2 1 1O56 B 1 ? 3 ? 1O56 2 ? 4 ? 2 4 
# 
loop_
_pdbx_struct_assembly.id 
_pdbx_struct_assembly.details 
_pdbx_struct_assembly.method_details 
_pdbx_struct_assembly.oligomeric_details 
_pdbx_struct_assembly.oligomeric_count 
1 author_defined_assembly ? trimeric 3 
2 author_defined_assembly ? trimeric 3 
# 
loop_
_pdbx_struct_assembly_gen.assembly_id 
_pdbx_struct_assembly_gen.oper_expression 
_pdbx_struct_assembly_gen.asym_id_list 
1 1,2,3 A,C 
2 1,4,5 B,D 
# 
loop_
_pdbx_struct_oper_list.id 
_pdbx_struct_oper_list.type 
_pdbx_struct_oper_list.name 
_pdbx_struct_oper_list.symmetry_operation 
_pdbx_struct_oper_list.matrix[1][1] 
_pdbx_struct_oper_list.matrix[1][2] 
_pdbx_struct_oper_list.matrix[1][3] 
_pdbx_struct_oper_list.vector[1] 
_pdbx_struct_oper_list.matrix[2][1] 
_pdbx_struct_oper_list.matrix[2][2] 
_pdbx_struct_oper_list.matrix[2][3] 
_pdbx_struct_oper_list.vector[2] 
_pdbx_struct_oper_list.matrix[3][1] 
_pdbx_struct_oper_list.matrix[3][2] 
_pdbx_struct_oper_list.matrix[3][3] 
_pdbx_struct_oper_list.vector[3] 
1 'identity operation'         1_555 x,y,z         1.0000000000 0.0000000000  0.0000000000 0.0000000000  0.0000000000  1.0000000000  0.0000000000  0.0000000000  0.0000000000 0.0000000000  1.0000000000  0.0000000000  
2 'crystal symmetry operation' 2_555 -y,x-y,z      0.7398760764 -0.6210849549 0.2585282777 -1.2683356835 -0.0301259991 -0.4144923201 -0.9095540340 12.1632812819 0.6720683119 0.6651688473  -0.3253837563 11.8913181860 
3 'crystal symmetry operation' 3_555 -x+y,-x,z     0.7398760764 -0.0301259991 0.6720683119 -6.6869359089 -0.6210849549 -0.4144923201 0.6651688473  -3.6558919427 0.2585282777 -0.9095540340 -0.3253837563 15.2603039748 
4 'crystal symmetry operation' 2_655 -y+1,x-y,z    0.7398760764 -0.6210849549 0.2585282777 -1.6690201121 -0.0301259991 -0.4144923201 -0.9095540340 -7.4350396908 0.6720683119 0.6651688473  -0.3253837563 -0.7554541705 
5 'crystal symmetry operation' 3_665 -x+y+1,-x+1,z 0.7398760764 -0.0301259991 0.6720683119 1.5185968617  -0.6210849549 -0.4144923201 0.6651688473  -3.6158655530 0.2585282777 -0.9095540340 -0.3253837563 -6.5768939645 
# 
loop_
_struct_biol.id 
_struct_biol.pdbx_parent_biol_id 
_struct_biol.details 
1 ? ? 
2 ? ? 
# 
_pdbx_validate_close_contact.id               1 
_pdbx_validate_close_contact.PDB_model_num    1 
_pdbx_validate_close_contact.auth_atom_id_1   O 
_pdbx_validate_close_contact.auth_asym_id_1   A 
_pdbx_validate_close_contact.auth_comp_id_1   HOH 
_pdbx_validate_close_contact.auth_seq_id_1    13 
_pdbx_validate_close_contact.PDB_ins_code_1   ? 
_pdbx_validate_close_contact.label_alt_id_1   ? 
_pdbx_validate_close_contact.auth_atom_id_2   O 
_pdbx_validate_close_contact.auth_asym_id_2   A 
_pdbx_validate_close_contact.auth_comp_id_2   HOH 
_pdbx_validate_close_contact.auth_seq_id_2    14 
_pdbx_validate_close_contact.PDB_ins_code_2   ? 
_pdbx_validate_close_contact.label_alt_id_2   ? 
_pdbx_validate_close_contact.dist             2.17 
# 
loop_
_pdbx_validate_symm_contact.id 
_pdbx_validate_symm_contact.PDB_model_num 
_pdbx_validate_symm_contact.auth_atom_id_1 
_pdbx_validate_symm_contact.auth_asym_id_1 
_pdbx_validate_symm_contact.auth_comp_id_1 
_pdbx_validate_symm_contact.auth_seq_id_1 
_pdbx_validate_symm_contact.PDB_ins_code_1 
_pdbx_validate_symm_contact.label_alt_id_1 
_pdbx_validate_symm_contact.site_symmetry_1 
_pdbx_validate_symm_contact.auth_atom_id_2 
_pdbx_validate_symm_contact.auth_asym_id_2 
_pdbx_validate_symm_contact.auth_comp_id_2 
_pdbx_validate_symm_contact.auth_seq_id_2 
_pdbx_validate_symm_contact.PDB_ins_code_2 
_pdbx_validate_symm_contact.label_alt_id_2 
_pdbx_validate_symm_contact.site_symmetry_2 
_pdbx_validate_symm_contact.dist 
1 1 P B DA  2  ? ? 1_555 "O3'" B DA  2  ? ? 3_665 1.59 
2 1 P A DA  1  ? ? 1_555 "O3'" A DA  1  ? ? 2_555 1.61 
3 1 O A HOH 13 ? ? 1_555 O     A HOH 15 ? ? 1_554 2.17 
# 
loop_
_pdbx_validate_rmsd_bond.id 
_pdbx_validate_rmsd_bond.PDB_model_num 
_pdbx_validate_rmsd_bond.auth_atom_id_1 
_pdbx_validate_rmsd_bond.auth_asym_id_1 
_pdbx_validate_rmsd_bond.auth_comp_id_1 
_pdbx_validate_rmsd_bond.auth_seq_id_1 
_pdbx_validate_rmsd_bond.PDB_ins_code_1 
_pdbx_validate_rmsd_bond.label_alt_id_1 
_pdbx_validate_rmsd_bond.auth_atom_id_2 
_pdbx_validate_rmsd_bond.auth_asym_id_2 
_pdbx_validate_rmsd_bond.auth_comp_id_2 
_pdbx_validate_rmsd_bond.auth_seq_id_2 
_pdbx_validate_rmsd_bond.PDB_ins_code_2 
_pdbx_validate_rmsd_bond.label_alt_id_2 
_pdbx_validate_rmsd_bond.bond_value 
_pdbx_validate_rmsd_bond.bond_target_value 
_pdbx_validate_rmsd_bond.bond_deviation 
_pdbx_validate_rmsd_bond.bond_standard_deviation 
_pdbx_validate_rmsd_bond.linker_flag 
1 1 "C5'" A DA 1 ? ? "C4'" A DA 1 ? ? 1.557 1.512 0.045  0.007 N 
2 1 N1    A DA 1 ? ? C2    A DA 1 ? ? 1.259 1.339 -0.080 0.009 N 
3 1 C6    A DA 1 ? ? N1    A DA 1 ? ? 1.288 1.351 -0.063 0.007 N 
4 1 N1    B DA 2 ? ? C2    B DA 2 ? ? 1.257 1.339 -0.082 0.009 N 
5 1 C4    B DA 2 ? ? C5    B DA 2 ? ? 1.313 1.383 -0.070 0.007 N 
6 1 C6    B DA 2 ? ? N1    B DA 2 ? ? 1.398 1.351 0.047  0.007 N 
7 1 N7    B DA 2 ? ? C8    B DA 2 ? ? 1.359 1.311 0.048  0.007 N 
# 
loop_
_pdbx_validate_rmsd_angle.id 
_pdbx_validate_rmsd_angle.PDB_model_num 
_pdbx_validate_rmsd_angle.auth_atom_id_1 
_pdbx_validate_rmsd_angle.auth_asym_id_1 
_pdbx_validate_rmsd_angle.auth_comp_id_1 
_pdbx_validate_rmsd_angle.auth_seq_id_1 
_pdbx_validate_rmsd_angle.PDB_ins_code_1 
_pdbx_validate_rmsd_angle.label_alt_id_1 
_pdbx_validate_rmsd_angle.auth_atom_id_2 
_pdbx_validate_rmsd_angle.auth_asym_id_2 
_pdbx_validate_rmsd_angle.auth_comp_id_2 
_pdbx_validate_rmsd_angle.auth_seq_id_2 
_pdbx_validate_rmsd_angle.PDB_ins_code_2 
_pdbx_validate_rmsd_angle.label_alt_id_2 
_pdbx_validate_rmsd_angle.auth_atom_id_3 
_pdbx_validate_rmsd_angle.auth_asym_id_3 
_pdbx_validate_rmsd_angle.auth_comp_id_3 
_pdbx_validate_rmsd_angle.auth_seq_id_3 
_pdbx_validate_rmsd_angle.PDB_ins_code_3 
_pdbx_validate_rmsd_angle.label_alt_id_3 
_pdbx_validate_rmsd_angle.angle_value 
_pdbx_validate_rmsd_angle.angle_target_value 
_pdbx_validate_rmsd_angle.angle_deviation 
_pdbx_validate_rmsd_angle.angle_standard_deviation 
_pdbx_validate_rmsd_angle.linker_flag 
1 1 "O4'" B DA 2 ? ? "C1'" B DA 2 ? ? N9 B DA 2 ? ? 110.10 108.30 1.80  0.30 N 
2 1 C6    B DA 2 ? ? N1    B DA 2 ? ? C2 B DA 2 ? ? 113.54 118.60 -5.06 0.60 N 
3 1 N1    B DA 2 ? ? C2    B DA 2 ? ? N3 B DA 2 ? ? 136.69 129.30 7.39  0.50 N 
4 1 C4    B DA 2 ? ? C5    B DA 2 ? ? C6 B DA 2 ? ? 121.01 117.00 4.01  0.50 N 
5 1 N9    B DA 2 ? ? C4    B DA 2 ? ? C5 B DA 2 ? ? 110.18 105.80 4.38  0.40 N 
# 
loop_
_pdbx_struct_special_symmetry.id 
_pdbx_struct_special_symmetry.PDB_model_num 
_pdbx_struct_special_symmetry.auth_asym_id 
_pdbx_struct_special_symmetry.auth_comp_id 
_pdbx_struct_special_symmetry.auth_seq_id 
_pdbx_struct_special_symmetry.PDB_ins_code 
_pdbx_struct_special_symmetry.label_asym_id 
_pdbx_struct_special_symmetry.label_comp_id 
_pdbx_struct_special_symmetry.label_seq_id 
1 1 A HOH 4  ? C HOH . 
2 1 A HOH 5  ? C HOH . 
3 1 A HOH 6  ? C HOH . 
4 1 A HOH 12 ? C HOH . 
# 
_pdbx_database_remark.id     999 
_pdbx_database_remark.text   
;SEQUENCE
The crystallized entity is 5'-CD(*AP*AP*AP)-3', however, 
each of the two independent molecules sits on the 
crystallographic 3-fold axis. Remark 350 provides the way 
to create cyclic D(*Ap*Ap*Ap) molecule.
;
# 
loop_
_pdbx_unobs_or_zero_occ_residues.id 
_pdbx_unobs_or_zero_occ_residues.PDB_model_num 
_pdbx_unobs_or_zero_occ_residues.polymer_flag 
_pdbx_unobs_or_zero_occ_residues.occupancy_flag 
_pdbx_unobs_or_zero_occ_residues.auth_asym_id 
_pdbx_unobs_or_zero_occ_residues.auth_comp_id 
_pdbx_unobs_or_zero_occ_residues.auth_seq_id 
_pdbx_unobs_or_zero_occ_residues.PDB_ins_code 
_pdbx_unobs_or_zero_occ_residues.label_asym_id 
_pdbx_unobs_or_zero_occ_residues.label_comp_id 
_pdbx_unobs_or_zero_occ_residues.label_seq_id 
1 1 Y 1 A DA 2 ? A DA 2 
2 1 Y 1 A DA 3 ? A DA 3 
3 1 Y 1 B DA 3 ? B DA 2 
4 1 Y 1 B DA 4 ? B DA 3 
# 
loop_
_chem_comp_atom.comp_id 
_chem_comp_atom.atom_id 
_chem_comp_atom.type_symbol 
_chem_comp_atom.pdbx_aromatic_flag 
_chem_comp_atom.pdbx_stereo_config 
_chem_comp_atom.pdbx_ordinal 
DA  OP3    O N N 1  
DA  P      P N N 2  
DA  OP1    O N N 3  
DA  OP2    O N N 4  
DA  "O5'"  O N N 5  
DA  "C5'"  C N N 6  
DA  "C4'"  C N R 7  
DA  "O4'"  O N N 8  
DA  "C3'"  C N S 9  
DA  "O3'"  O N N 10 
DA  "C2'"  C N N 11 
DA  "C1'"  C N R 12 
DA  N9     N Y N 13 
DA  C8     C Y N 14 
DA  N7     N Y N 15 
DA  C5     C Y N 16 
DA  C6     C Y N 17 
DA  N6     N N N 18 
DA  N1     N Y N 19 
DA  C2     C Y N 20 
DA  N3     N Y N 21 
DA  C4     C Y N 22 
DA  HOP3   H N N 23 
DA  HOP2   H N N 24 
DA  "H5'"  H N N 25 
DA  "H5''" H N N 26 
DA  "H4'"  H N N 27 
DA  "H3'"  H N N 28 
DA  "HO3'" H N N 29 
DA  "H2'"  H N N 30 
DA  "H2''" H N N 31 
DA  "H1'"  H N N 32 
DA  H8     H N N 33 
DA  H61    H N N 34 
DA  H62    H N N 35 
DA  H2     H N N 36 
HOH O      O N N 37 
HOH H1     H N N 38 
HOH H2     H N N 39 
# 
loop_
_chem_comp_bond.comp_id 
_chem_comp_bond.atom_id_1 
_chem_comp_bond.atom_id_2 
_chem_comp_bond.value_order 
_chem_comp_bond.pdbx_aromatic_flag 
_chem_comp_bond.pdbx_stereo_config 
_chem_comp_bond.pdbx_ordinal 
DA  OP3   P      sing N N 1  
DA  OP3   HOP3   sing N N 2  
DA  P     OP1    doub N N 3  
DA  P     OP2    sing N N 4  
DA  P     "O5'"  sing N N 5  
DA  OP2   HOP2   sing N N 6  
DA  "O5'" "C5'"  sing N N 7  
DA  "C5'" "C4'"  sing N N 8  
DA  "C5'" "H5'"  sing N N 9  
DA  "C5'" "H5''" sing N N 10 
DA  "C4'" "O4'"  sing N N 11 
DA  "C4'" "C3'"  sing N N 12 
DA  "C4'" "H4'"  sing N N 13 
DA  "O4'" "C1'"  sing N N 14 
DA  "C3'" "O3'"  sing N N 15 
DA  "C3'" "C2'"  sing N N 16 
DA  "C3'" "H3'"  sing N N 17 
DA  "O3'" "HO3'" sing N N 18 
DA  "C2'" "C1'"  sing N N 19 
DA  "C2'" "H2'"  sing N N 20 
DA  "C2'" "H2''" sing N N 21 
DA  "C1'" N9     sing N N 22 
DA  "C1'" "H1'"  sing N N 23 
DA  N9    C8     sing Y N 24 
DA  N9    C4     sing Y N 25 
DA  C8    N7     doub Y N 26 
DA  C8    H8     sing N N 27 
DA  N7    C5     sing Y N 28 
DA  C5    C6     sing Y N 29 
DA  C5    C4     doub Y N 30 
DA  C6    N6     sing N N 31 
DA  C6    N1     doub Y N 32 
DA  N6    H61    sing N N 33 
DA  N6    H62    sing N N 34 
DA  N1    C2     sing Y N 35 
DA  C2    N3     doub Y N 36 
DA  C2    H2     sing N N 37 
DA  N3    C4     sing Y N 38 
HOH O     H1     sing N N 39 
HOH O     H2     sing N N 40 
# 
_atom_sites.entry_id                    1O56 
_atom_sites.fract_transf_matrix[1][1]   0.00956123 
_atom_sites.fract_transf_matrix[1][2]   -0.02396005 
_atom_sites.fract_transf_matrix[1][3]   -0.04224443 
_atom_sites.fract_transf_matrix[2][1]   0.02059503 
_atom_sites.fract_transf_matrix[2][2]   0.02410675 
_atom_sites.fract_transf_matrix[2][3]   -0.03801001 
_atom_sites.fract_transf_matrix[3][1]   0.09392237 
_atom_sites.fract_transf_matrix[3][2]   -0.02466508 
_atom_sites.fract_transf_matrix[3][3]   0.03524701 
_atom_sites.fract_transf_vector[1]      0.475635 
_atom_sites.fract_transf_vector[2]      0.330262 
_atom_sites.fract_transf_vector[3]      0.187245 
# 
loop_
_atom_type.symbol 
C 
N 
O 
P 
# 
loop_
_atom_site.group_PDB 
_atom_site.id 
_atom_site.type_symbol 
_atom_site.label_atom_id 
_atom_site.label_alt_id 
_atom_site.label_comp_id 
_atom_site.label_asym_id 
_atom_site.label_entity_id 
_atom_site.label_seq_id 
_atom_site.pdbx_PDB_ins_code 
_atom_site.Cartn_x 
_atom_site.Cartn_y 
_atom_site.Cartn_z 
_atom_site.occupancy 
_atom_site.B_iso_or_equiv 
_atom_site.pdbx_formal_charge 
_atom_site.auth_seq_id 
_atom_site.auth_comp_id 
_atom_site.auth_asym_id 
_atom_site.auth_atom_id 
_atom_site.pdbx_PDB_model_num 
ATOM   1  P P     . DA  A 1 1 ? -5.293 5.582  4.102   1.00 0.10 ? 1  DA  A P     1 
ATOM   2  O OP1   . DA  A 1 1 ? -5.751 5.981  2.765   1.00 0.16 ? 1  DA  A OP1   1 
ATOM   3  O OP2   . DA  A 1 1 ? -3.872 5.480  4.417   1.00 0.12 ? 1  DA  A OP2   1 
ATOM   4  O "O5'" . DA  A 1 1 ? -5.883 4.172  4.500   1.00 0.11 ? 1  DA  A "O5'" 1 
ATOM   5  C "C5'" . DA  A 1 1 ? -7.234 3.896  4.231   1.00 0.13 ? 1  DA  A "C5'" 1 
ATOM   6  C "C4'" . DA  A 1 1 ? -7.491 2.369  4.402   1.00 0.08 ? 1  DA  A "C4'" 1 
ATOM   7  O "O4'" . DA  A 1 1 ? -6.799 1.702  3.341   1.00 0.08 ? 1  DA  A "O4'" 1 
ATOM   8  C "C3'" . DA  A 1 1 ? -6.973 1.724  5.699   1.00 0.07 ? 1  DA  A "C3'" 1 
ATOM   9  O "O3'" . DA  A 1 1 ? -7.955 0.746  6.028   1.00 0.09 ? 1  DA  A "O3'" 1 
ATOM   10 C "C2'" . DA  A 1 1 ? -5.624 1.128  5.313   1.00 0.09 ? 1  DA  A "C2'" 1 
ATOM   11 C "C1'" . DA  A 1 1 ? -5.873 0.754  3.855   1.00 0.09 ? 1  DA  A "C1'" 1 
ATOM   12 N N9    . DA  A 1 1 ? -4.711 0.805  3.009   1.00 0.08 ? 1  DA  A N9    1 
ATOM   13 C C8    . DA  A 1 1 ? -4.153 1.915  2.491   1.00 0.10 ? 1  DA  A C8    1 
ATOM   14 N N7    . DA  A 1 1 ? -3.100 1.684  1.732   1.00 0.10 ? 1  DA  A N7    1 
ATOM   15 C C5    . DA  A 1 1 ? -2.930 0.317  1.838   1.00 0.08 ? 1  DA  A C5    1 
ATOM   16 C C6    . DA  A 1 1 ? -2.027 -0.595 1.262   1.00 0.07 ? 1  DA  A C6    1 
ATOM   17 N N6    . DA  A 1 1 ? -1.051 -0.206 0.444   1.00 0.08 ? 1  DA  A N6    1 
ATOM   18 N N1    . DA  A 1 1 ? -2.153 -1.849 1.530   1.00 0.09 ? 1  DA  A N1    1 
ATOM   19 C C2    . DA  A 1 1 ? -3.110 -2.210 2.264   1.00 0.10 ? 1  DA  A C2    1 
ATOM   20 N N3    . DA  A 1 1 ? -4.051 -1.487 2.913   1.00 0.10 ? 1  DA  A N3    1 
ATOM   21 C C4    . DA  A 1 1 ? -3.895 -0.206 2.611   1.00 0.07 ? 1  DA  A C4    1 
ATOM   22 P P     . DA  B 1 1 ? 4.624  -6.271 -4.632  1.00 0.09 ? 2  DA  B P     1 
ATOM   23 O OP1   . DA  B 1 1 ? 3.323  -6.171 -5.346  1.00 0.15 ? 2  DA  B OP1   1 
ATOM   24 O OP2   . DA  B 1 1 ? 5.821  -6.678 -5.384  1.00 0.13 ? 2  DA  B OP2   1 
ATOM   25 O "O5'" . DA  B 1 1 ? 4.803  -4.814 -3.953  1.00 0.10 ? 2  DA  B "O5'" 1 
ATOM   26 C "C5'" . DA  B 1 1 ? 5.984  -4.531 -3.226  1.00 0.12 ? 2  DA  B "C5'" 1 
ATOM   27 C "C4'" . DA  B 1 1 ? 6.049  -3.052 -2.979  1.00 0.10 ? 2  DA  B "C4'" 1 
ATOM   28 O "O4'" . DA  B 1 1 ? 6.242  -2.376 -4.222  1.00 0.11 ? 2  DA  B "O4'" 1 
ATOM   29 C "C3'" . DA  B 1 1 ? 4.823  -2.407 -2.300  1.00 0.10 ? 2  DA  B "C3'" 1 
ATOM   30 O "O3'" . DA  B 1 1 ? 5.344  -1.417 -1.456  1.00 0.08 ? 2  DA  B "O3'" 1 
ATOM   31 C "C2'" . DA  B 1 1 ? 4.106  -1.846 -3.522  1.00 0.09 ? 2  DA  B "C2'" 1 
ATOM   32 C "C1'" . DA  B 1 1 ? 5.236  -1.467 -4.461  1.00 0.09 ? 2  DA  B "C1'" 1 
ATOM   33 N N9    . DA  B 1 1 ? 4.884  -1.476 -5.844  1.00 0.09 ? 2  DA  B N9    1 
ATOM   34 C C8    . DA  B 1 1 ? 4.794  -2.575 -6.595  1.00 0.15 ? 2  DA  B C8    1 
ATOM   35 N N7    . DA  B 1 1 ? 4.534  -2.299 -7.900  1.00 0.12 ? 2  DA  B N7    1 
ATOM   36 C C5    . DA  B 1 1 ? 4.326  -0.944 -7.887  1.00 0.10 ? 2  DA  B C5    1 
ATOM   37 C C6    . DA  B 1 1 ? 4.034  -0.100 -8.939  1.00 0.12 ? 2  DA  B C6    1 
ATOM   38 N N6    . DA  B 1 1 ? 3.821  -0.473 -10.183 1.00 0.14 ? 2  DA  B N6    1 
ATOM   39 N N1    . DA  B 1 1 ? 3.961  1.257  -8.612  1.00 0.11 ? 2  DA  B N1    1 
ATOM   40 C C2    . DA  B 1 1 ? 4.192  1.495  -7.400  1.00 0.13 ? 2  DA  B C2    1 
ATOM   41 N N3    . DA  B 1 1 ? 4.461  0.808  -6.345  1.00 0.11 ? 2  DA  B N3    1 
ATOM   42 C C4    . DA  B 1 1 ? 4.559  -0.471 -6.685  1.00 0.10 ? 2  DA  B C4    1 
HETATM 43 O O     . HOH C 2 . ? -5.186 3.501  8.099   0.33 0.17 ? 4  HOH A O     1 
HETATM 44 O O     . HOH C 2 . ? 1.851  -4.184 -1.731  0.33 0.18 ? 5  HOH A O     1 
HETATM 45 O O     . HOH C 2 . ? -1.293 2.479  9.560   0.33 0.19 ? 6  HOH A O     1 
HETATM 46 O O     . HOH C 2 . ? -3.153 3.602  6.237   1.00 0.11 ? 7  HOH A O     1 
HETATM 47 O O     . HOH C 2 . ? 1.020  -1.659 -1.126  1.00 0.10 ? 8  HOH A O     1 
HETATM 48 O O     . HOH C 2 . ? 0.635  4.944  5.642   1.00 0.22 ? 9  HOH A O     1 
HETATM 49 O O     . HOH C 2 . ? -2.099 -3.889 -0.480  1.00 0.13 ? 10 HOH A O     1 
HETATM 50 O O     . HOH C 2 . ? -1.139 4.663  7.788   1.00 0.14 ? 11 HOH A O     1 
HETATM 51 O O     . HOH C 2 . ? -1.973 -3.178 -3.167  0.33 0.21 ? 12 HOH A O     1 
HETATM 52 O O     . HOH C 2 . ? 0.247  6.024  3.748   1.00 0.17 ? 13 HOH A O     1 
HETATM 53 O O     . HOH C 2 . ? -1.264 4.571  3.180   1.00 0.24 ? 14 HOH A O     1 
HETATM 54 O O     . HOH C 2 . ? 7.441  5.151  7.324   1.00 0.28 ? 15 HOH A O     1 
HETATM 55 O O     . HOH D 2 . ? 4.920  -7.922 4.049   1.00 0.29 ? 9  HOH B O     1 
# 
